data_1NOL
#
_entry.id   1NOL
#
_cell.length_a   117.002
_cell.length_b   117.002
_cell.length_c   117.002
_cell.angle_alpha   60.02
_cell.angle_beta   60.02
_cell.angle_gamma   60.02
#
_symmetry.space_group_name_H-M   'R 3 2'
#
loop_
_entity.id
_entity.type
_entity.pdbx_description
1 polymer 'HEMOCYANIN (SUBUNIT TYPE II)'
2 non-polymer 'COPPER (II) ION'
3 non-polymer 'CALCIUM ION'
4 non-polymer 'NITRATE ION'
5 non-polymer 'PEROXIDE ION'
6 water water
#
_entity_poly.entity_id   1
_entity_poly.type   'polypeptide(L)'
_entity_poly.pdbx_seq_one_letter_code
;TLHDKQIRICHLFEQLSSATVIGDGDKHKHSDRLKNVGKLQPGAIFSCFHPDHLEEARHLYEVFWEAGDFNDFIEIAKEA
RTFVNEGLFAFAAEVAVLHRDDCKGLYVPPVQEIFPDKFIPSAAINEAFKKAHVRPEFDESPILVDVQDTGNILDPEYRL
AYYREDVGINAHHWHWHLVYPSTWNPKYFGKKKDRKGELFYYMHQQMCARYDCERLSNGMHRMLPFNNFDEPLAGYAPHL
THVASGKYYSPRPDGLKLRDLGDIEISEMVRMRERILDSIHLGYVISEDGSHKTLDELHGTDILGALVESSYESVNHEYY
GNLHNWGHVTMARIHDPDGRFHEEPGVMSDTSTSLRDPIFYNWHRFIDNIFHEYKNTLKPYDHDVLNFPDIQVQDVTLHA
RVDNVVHTFMREQELELKHGINPGNARSIKARYYHLDHEPFSYAVNVQNNSASDKHATVRIFLAPKYDELGNEIKADELR
RTAIELDKFKTDLHPGKNTVVRHSLDSSVTLSHQPTFEDLLHGVGLNEHKSEYCSCGWPSHLLVPKGNIKGMEYHLFVML
TDWDKDKVDGSESVACVDAVSYCGARDHKYPDKKPMGFPFDRPIHTEHISDFLTNNMFIKDIKIKFHE
;
_entity_poly.pdbx_strand_id   A
#
# COMPACT_ATOMS: atom_id res chain seq x y z
N THR A 1 -28.34 -11.68 13.24
CA THR A 1 -27.15 -11.35 14.01
C THR A 1 -26.04 -10.85 13.06
N LEU A 2 -24.90 -10.45 13.62
CA LEU A 2 -23.73 -10.06 12.86
C LEU A 2 -23.18 -11.26 12.10
N HIS A 3 -23.04 -12.46 12.68
CA HIS A 3 -22.68 -13.61 11.86
C HIS A 3 -23.59 -13.93 10.66
N ASP A 4 -24.88 -13.68 10.70
CA ASP A 4 -25.70 -13.89 9.54
C ASP A 4 -25.33 -12.85 8.48
N LYS A 5 -25.32 -11.58 8.89
CA LYS A 5 -24.87 -10.46 8.08
C LYS A 5 -23.53 -10.73 7.41
N GLN A 6 -22.57 -11.32 8.11
CA GLN A 6 -21.32 -11.67 7.50
C GLN A 6 -21.47 -12.72 6.40
N ILE A 7 -22.35 -13.72 6.52
CA ILE A 7 -22.46 -14.77 5.50
C ILE A 7 -23.07 -14.17 4.23
N ARG A 8 -24.07 -13.30 4.39
CA ARG A 8 -24.71 -12.64 3.28
C ARG A 8 -23.75 -11.72 2.57
N ILE A 9 -22.88 -10.96 3.26
CA ILE A 9 -21.78 -10.27 2.58
C ILE A 9 -20.81 -11.24 1.89
N CYS A 10 -20.32 -12.34 2.46
CA CYS A 10 -19.45 -13.21 1.68
C CYS A 10 -20.03 -13.63 0.34
N HIS A 11 -21.34 -13.88 0.29
CA HIS A 11 -22.04 -14.34 -0.91
C HIS A 11 -22.14 -13.26 -1.97
N LEU A 12 -22.03 -11.98 -1.60
CA LEU A 12 -21.93 -10.95 -2.59
C LEU A 12 -20.69 -11.07 -3.45
N PHE A 13 -19.64 -11.65 -2.88
CA PHE A 13 -18.29 -11.60 -3.41
C PHE A 13 -17.88 -12.97 -3.90
N GLU A 14 -18.80 -13.85 -4.25
CA GLU A 14 -18.49 -15.25 -4.50
C GLU A 14 -18.71 -15.52 -5.97
N GLN A 15 -17.79 -16.14 -6.75
CA GLN A 15 -17.97 -16.47 -8.19
C GLN A 15 -18.49 -15.30 -9.01
N LEU A 16 -17.72 -14.27 -8.70
CA LEU A 16 -18.03 -12.92 -9.09
C LEU A 16 -17.70 -12.82 -10.54
N SER A 17 -16.73 -13.54 -11.10
CA SER A 17 -16.51 -13.52 -12.56
C SER A 17 -17.63 -14.18 -13.35
N SER A 18 -18.25 -15.20 -12.76
CA SER A 18 -19.43 -15.88 -13.31
C SER A 18 -20.71 -15.13 -13.01
N ALA A 19 -20.72 -14.21 -12.04
CA ALA A 19 -21.87 -13.43 -11.62
C ALA A 19 -22.72 -12.89 -12.76
N THR A 20 -22.11 -12.53 -13.90
CA THR A 20 -22.82 -12.14 -15.12
C THR A 20 -23.38 -13.37 -15.84
N VAL A 21 -22.51 -14.37 -16.06
CA VAL A 21 -22.79 -15.53 -16.91
C VAL A 21 -23.21 -16.81 -16.15
N HIS A 30 -33.76 -1.45 -15.18
CA HIS A 30 -32.98 -2.26 -14.27
C HIS A 30 -33.20 -1.90 -12.80
N SER A 31 -33.61 -0.64 -12.59
CA SER A 31 -34.02 0.01 -11.36
C SER A 31 -33.53 1.39 -11.76
N ASP A 32 -34.35 2.40 -11.54
CA ASP A 32 -33.88 3.76 -11.71
C ASP A 32 -32.71 4.03 -10.74
N ARG A 33 -32.48 3.22 -9.68
CA ARG A 33 -31.37 3.48 -8.77
C ARG A 33 -30.10 3.19 -9.58
N LEU A 34 -30.16 2.20 -10.49
CA LEU A 34 -28.98 1.72 -11.18
C LEU A 34 -28.96 2.18 -12.63
N LYS A 35 -29.44 3.39 -12.88
CA LYS A 35 -29.45 3.90 -14.26
C LYS A 35 -28.07 4.46 -14.71
N ASN A 36 -27.21 5.00 -13.84
CA ASN A 36 -25.97 5.59 -14.36
C ASN A 36 -24.81 4.60 -14.29
N VAL A 37 -25.08 3.33 -14.04
CA VAL A 37 -24.01 2.39 -13.83
C VAL A 37 -24.29 1.22 -14.80
N GLY A 38 -23.34 0.34 -15.18
CA GLY A 38 -23.54 -0.55 -16.32
C GLY A 38 -22.98 0.02 -17.61
N LYS A 39 -21.87 0.77 -17.55
CA LYS A 39 -21.27 1.30 -18.75
C LYS A 39 -20.07 0.45 -19.18
N LEU A 40 -19.21 0.13 -18.24
CA LEU A 40 -18.04 -0.68 -18.48
C LEU A 40 -18.54 -2.10 -18.56
N GLN A 41 -18.30 -2.68 -19.72
CA GLN A 41 -18.63 -4.08 -19.97
C GLN A 41 -18.06 -5.12 -19.01
N PRO A 42 -18.84 -6.10 -18.55
CA PRO A 42 -18.34 -7.22 -17.75
C PRO A 42 -17.16 -7.86 -18.46
N GLY A 43 -16.10 -8.36 -17.82
CA GLY A 43 -15.01 -8.94 -18.57
C GLY A 43 -13.87 -7.96 -18.87
N ALA A 44 -14.15 -6.67 -19.10
CA ALA A 44 -13.12 -5.67 -19.32
C ALA A 44 -12.32 -5.51 -18.04
N ILE A 45 -11.05 -5.17 -18.08
CA ILE A 45 -10.27 -4.82 -16.90
C ILE A 45 -10.70 -3.42 -16.41
N PHE A 46 -10.94 -3.29 -15.12
CA PHE A 46 -11.32 -2.06 -14.47
C PHE A 46 -10.02 -1.38 -14.03
N SER A 47 -9.95 -0.11 -14.33
CA SER A 47 -8.84 0.75 -13.94
C SER A 47 -9.24 1.48 -12.65
N CYS A 48 -8.36 1.41 -11.68
CA CYS A 48 -8.50 2.17 -10.45
C CYS A 48 -8.00 3.60 -10.61
N PHE A 49 -7.53 4.00 -11.79
CA PHE A 49 -6.89 5.28 -11.94
C PHE A 49 -7.58 6.11 -13.00
N HIS A 50 -8.03 5.52 -14.11
CA HIS A 50 -8.70 6.22 -15.18
C HIS A 50 -9.91 7.02 -14.69
N PRO A 51 -10.17 8.29 -15.03
CA PRO A 51 -11.29 9.08 -14.55
C PRO A 51 -12.70 8.51 -14.80
N ASP A 52 -12.99 8.04 -16.00
CA ASP A 52 -14.29 7.51 -16.36
C ASP A 52 -14.69 6.16 -15.81
N HIS A 53 -13.67 5.41 -15.39
CA HIS A 53 -13.89 4.20 -14.65
C HIS A 53 -14.16 4.59 -13.20
N LEU A 54 -13.41 5.53 -12.61
CA LEU A 54 -13.63 5.92 -11.23
C LEU A 54 -14.98 6.62 -11.03
N GLU A 55 -15.45 7.27 -12.08
CA GLU A 55 -16.75 7.90 -12.05
C GLU A 55 -17.87 6.89 -11.98
N GLU A 56 -17.79 5.85 -12.78
CA GLU A 56 -18.81 4.83 -12.69
C GLU A 56 -18.70 4.07 -11.36
N ALA A 57 -17.49 3.86 -10.81
CA ALA A 57 -17.40 3.18 -9.52
C ALA A 57 -18.03 4.04 -8.42
N ARG A 58 -17.82 5.37 -8.46
CA ARG A 58 -18.39 6.30 -7.50
C ARG A 58 -19.88 6.30 -7.59
N HIS A 59 -20.41 6.44 -8.79
CA HIS A 59 -21.84 6.30 -8.96
C HIS A 59 -22.40 5.04 -8.34
N LEU A 60 -21.80 3.85 -8.54
CA LEU A 60 -22.31 2.65 -7.92
C LEU A 60 -22.19 2.71 -6.41
N TYR A 61 -21.11 3.17 -5.78
CA TYR A 61 -21.02 3.10 -4.33
C TYR A 61 -21.86 4.17 -3.67
N GLU A 62 -22.25 5.19 -4.42
CA GLU A 62 -23.18 6.18 -3.94
C GLU A 62 -24.55 5.51 -3.75
N VAL A 63 -25.06 4.72 -4.72
CA VAL A 63 -26.25 3.89 -4.55
C VAL A 63 -26.14 2.99 -3.32
N PHE A 64 -25.01 2.32 -3.15
CA PHE A 64 -24.84 1.42 -2.04
C PHE A 64 -24.87 2.18 -0.76
N TRP A 65 -24.27 3.38 -0.69
CA TRP A 65 -24.24 4.18 0.53
C TRP A 65 -25.65 4.69 0.88
N GLU A 66 -26.42 5.19 -0.09
CA GLU A 66 -27.76 5.64 0.11
C GLU A 66 -28.72 4.45 0.14
N ALA A 67 -28.39 3.23 0.55
CA ALA A 67 -29.34 2.15 0.47
C ALA A 67 -29.95 2.31 1.87
N GLY A 68 -31.28 2.50 1.97
CA GLY A 68 -31.96 2.74 3.25
C GLY A 68 -31.54 1.87 4.46
N ASP A 69 -31.22 0.59 4.29
CA ASP A 69 -30.73 -0.19 5.41
C ASP A 69 -30.06 -1.43 4.86
N PHE A 70 -29.50 -2.28 5.73
CA PHE A 70 -28.74 -3.41 5.27
C PHE A 70 -29.46 -4.32 4.28
N ASN A 71 -30.73 -4.66 4.44
CA ASN A 71 -31.35 -5.65 3.56
C ASN A 71 -31.54 -5.02 2.19
N ASP A 72 -31.76 -3.69 2.21
CA ASP A 72 -31.92 -2.95 0.98
C ASP A 72 -30.59 -2.83 0.23
N PHE A 73 -29.50 -2.80 0.99
CA PHE A 73 -28.15 -2.78 0.45
C PHE A 73 -27.81 -4.18 -0.08
N ILE A 74 -28.09 -5.31 0.55
CA ILE A 74 -27.84 -6.58 -0.08
C ILE A 74 -28.68 -6.72 -1.33
N GLU A 75 -29.87 -6.14 -1.36
CA GLU A 75 -30.68 -6.25 -2.55
C GLU A 75 -30.15 -5.55 -3.76
N ILE A 76 -29.89 -4.25 -3.67
CA ILE A 76 -29.36 -3.50 -4.81
C ILE A 76 -28.01 -4.06 -5.28
N ALA A 77 -27.18 -4.52 -4.36
CA ALA A 77 -25.92 -5.15 -4.68
C ALA A 77 -26.19 -6.42 -5.48
N LYS A 78 -27.06 -7.31 -5.00
CA LYS A 78 -27.32 -8.61 -5.62
C LYS A 78 -27.82 -8.47 -7.03
N GLU A 79 -28.46 -7.35 -7.26
CA GLU A 79 -28.93 -6.97 -8.56
C GLU A 79 -27.88 -6.28 -9.43
N ALA A 80 -27.04 -5.38 -8.90
CA ALA A 80 -26.15 -4.64 -9.75
C ALA A 80 -25.03 -5.56 -10.18
N ARG A 81 -24.65 -6.50 -9.33
CA ARG A 81 -23.66 -7.46 -9.77
C ARG A 81 -24.09 -8.34 -10.94
N THR A 82 -25.34 -8.28 -11.40
CA THR A 82 -25.78 -9.14 -12.48
C THR A 82 -25.27 -8.54 -13.78
N PHE A 83 -24.95 -7.23 -13.78
CA PHE A 83 -24.68 -6.61 -15.05
C PHE A 83 -23.49 -5.69 -15.12
N VAL A 84 -23.05 -5.11 -13.97
CA VAL A 84 -21.95 -4.17 -14.03
C VAL A 84 -20.64 -4.95 -14.12
N ASN A 85 -19.58 -4.28 -14.57
CA ASN A 85 -18.26 -4.88 -14.61
C ASN A 85 -17.98 -5.39 -13.24
N GLU A 86 -17.44 -6.60 -13.14
CA GLU A 86 -17.19 -7.23 -11.85
C GLU A 86 -16.06 -6.63 -11.02
N GLY A 87 -15.07 -6.00 -11.64
CA GLY A 87 -14.00 -5.37 -10.88
C GLY A 87 -14.53 -4.08 -10.27
N LEU A 88 -15.27 -3.34 -11.08
CA LEU A 88 -15.94 -2.17 -10.63
C LEU A 88 -16.77 -2.54 -9.41
N PHE A 89 -17.60 -3.60 -9.50
CA PHE A 89 -18.43 -4.08 -8.39
C PHE A 89 -17.61 -4.40 -7.17
N ALA A 90 -16.52 -5.17 -7.20
CA ALA A 90 -15.80 -5.45 -5.96
C ALA A 90 -15.33 -4.15 -5.33
N PHE A 91 -14.96 -3.17 -6.15
CA PHE A 91 -14.49 -1.88 -5.69
C PHE A 91 -15.60 -1.11 -4.99
N ALA A 92 -16.75 -0.94 -5.62
CA ALA A 92 -17.86 -0.20 -5.05
C ALA A 92 -18.43 -0.88 -3.82
N ALA A 93 -18.45 -2.20 -3.69
CA ALA A 93 -19.05 -2.85 -2.54
C ALA A 93 -18.11 -2.83 -1.35
N GLU A 94 -16.81 -3.04 -1.53
CA GLU A 94 -15.86 -2.87 -0.44
C GLU A 94 -15.81 -1.43 0.04
N VAL A 95 -15.90 -0.36 -0.75
CA VAL A 95 -16.07 1.00 -0.18
C VAL A 95 -17.40 1.04 0.61
N ALA A 96 -18.49 0.38 0.19
CA ALA A 96 -19.76 0.46 0.91
C ALA A 96 -19.62 -0.24 2.25
N VAL A 97 -19.04 -1.43 2.30
CA VAL A 97 -18.93 -2.21 3.53
C VAL A 97 -18.03 -1.55 4.54
N LEU A 98 -16.99 -0.84 4.08
CA LEU A 98 -16.08 -0.15 5.00
C LEU A 98 -16.66 1.07 5.70
N HIS A 99 -17.66 1.69 5.11
CA HIS A 99 -18.11 3.00 5.52
C HIS A 99 -19.55 2.98 6.02
N ARG A 100 -20.44 2.11 5.52
CA ARG A 100 -21.78 1.94 6.07
C ARG A 100 -21.73 1.56 7.53
N ASP A 101 -22.44 2.28 8.40
CA ASP A 101 -22.53 1.96 9.84
C ASP A 101 -23.07 0.58 10.17
N ASP A 102 -24.12 0.18 9.44
CA ASP A 102 -24.72 -1.14 9.66
C ASP A 102 -23.87 -2.31 9.18
N CYS A 103 -22.75 -2.04 8.50
CA CYS A 103 -21.73 -3.06 8.17
C CYS A 103 -20.55 -3.07 9.13
N LYS A 104 -20.64 -2.29 10.21
CA LYS A 104 -19.59 -2.20 11.16
C LYS A 104 -19.42 -3.50 11.85
N GLY A 105 -18.20 -3.98 11.79
CA GLY A 105 -17.85 -5.21 12.45
C GLY A 105 -17.75 -6.28 11.39
N LEU A 106 -18.11 -6.00 10.14
CA LEU A 106 -18.10 -7.00 9.11
C LEU A 106 -16.81 -6.87 8.33
N TYR A 107 -16.17 -8.02 8.07
CA TYR A 107 -15.03 -8.12 7.18
C TYR A 107 -15.50 -8.20 5.72
N VAL A 108 -14.66 -7.83 4.76
CA VAL A 108 -14.86 -8.06 3.33
C VAL A 108 -14.04 -9.35 3.05
N PRO A 109 -14.52 -10.33 2.23
CA PRO A 109 -13.81 -11.50 1.75
C PRO A 109 -12.40 -11.17 1.24
N PRO A 110 -11.34 -11.95 1.41
CA PRO A 110 -10.00 -11.65 0.92
C PRO A 110 -9.97 -11.46 -0.59
N VAL A 111 -9.37 -10.40 -1.14
CA VAL A 111 -9.42 -10.10 -2.60
C VAL A 111 -8.68 -11.12 -3.47
N GLN A 112 -7.68 -11.80 -2.94
CA GLN A 112 -6.94 -12.80 -3.67
C GLN A 112 -7.74 -14.07 -3.82
N GLU A 113 -8.80 -14.18 -3.05
CA GLU A 113 -9.74 -15.27 -3.17
C GLU A 113 -10.94 -14.95 -3.99
N ILE A 114 -11.36 -13.68 -4.06
CA ILE A 114 -12.36 -13.20 -4.99
C ILE A 114 -11.80 -13.30 -6.41
N PHE A 115 -10.57 -12.80 -6.63
CA PHE A 115 -9.97 -12.77 -7.95
C PHE A 115 -8.66 -13.54 -7.98
N PRO A 116 -8.62 -14.88 -7.81
CA PRO A 116 -7.41 -15.70 -7.75
C PRO A 116 -6.50 -15.47 -8.94
N ASP A 117 -7.10 -15.22 -10.12
CA ASP A 117 -6.38 -14.99 -11.39
C ASP A 117 -5.56 -13.71 -11.42
N LYS A 118 -5.66 -12.81 -10.44
CA LYS A 118 -4.80 -11.64 -10.37
C LYS A 118 -3.60 -11.92 -9.49
N PHE A 119 -3.55 -13.03 -8.74
CA PHE A 119 -2.49 -13.19 -7.79
C PHE A 119 -1.71 -14.42 -8.19
N ILE A 120 -2.21 -15.27 -9.09
CA ILE A 120 -1.49 -16.47 -9.47
C ILE A 120 -1.39 -16.55 -10.98
N PRO A 121 -0.29 -17.07 -11.53
CA PRO A 121 0.02 -17.10 -12.94
C PRO A 121 -0.98 -17.84 -13.82
N SER A 122 -1.27 -17.40 -15.06
CA SER A 122 -2.12 -18.12 -15.99
C SER A 122 -1.90 -19.63 -16.07
N ALA A 123 -0.64 -20.04 -15.97
CA ALA A 123 -0.28 -21.43 -16.09
C ALA A 123 -0.95 -22.16 -14.93
N ALA A 124 -0.63 -21.91 -13.68
CA ALA A 124 -1.34 -22.50 -12.56
C ALA A 124 -2.84 -22.38 -12.67
N ILE A 125 -3.46 -21.28 -13.06
CA ILE A 125 -4.92 -21.20 -13.15
C ILE A 125 -5.44 -22.16 -14.20
N ASN A 126 -4.67 -22.34 -15.25
CA ASN A 126 -5.10 -23.17 -16.36
C ASN A 126 -5.02 -24.61 -15.96
N GLU A 127 -3.94 -25.02 -15.33
CA GLU A 127 -3.78 -26.36 -14.82
C GLU A 127 -4.90 -26.69 -13.85
N ALA A 128 -5.15 -25.96 -12.77
CA ALA A 128 -6.36 -26.06 -11.99
C ALA A 128 -7.68 -26.20 -12.76
N PHE A 129 -8.07 -25.28 -13.66
CA PHE A 129 -9.27 -25.43 -14.47
C PHE A 129 -9.25 -26.72 -15.26
N LYS A 130 -8.04 -27.16 -15.59
CA LYS A 130 -7.85 -28.34 -16.44
C LYS A 130 -8.08 -29.58 -15.60
N LYS A 131 -7.42 -29.68 -14.47
CA LYS A 131 -7.48 -30.89 -13.70
C LYS A 131 -8.86 -30.93 -13.14
N ALA A 132 -9.59 -29.85 -12.95
CA ALA A 132 -11.04 -29.98 -12.75
C ALA A 132 -11.85 -30.44 -13.98
N HIS A 133 -11.48 -31.53 -14.72
CA HIS A 133 -12.17 -31.91 -15.98
C HIS A 133 -13.22 -33.03 -15.86
N ASP A 139 -13.66 -35.29 -9.97
CA ASP A 139 -14.30 -36.35 -9.18
C ASP A 139 -15.24 -35.73 -8.13
N GLU A 140 -14.58 -35.03 -7.19
CA GLU A 140 -15.05 -34.67 -5.85
C GLU A 140 -13.74 -34.21 -5.20
N SER A 141 -12.72 -35.04 -5.41
CA SER A 141 -11.35 -34.83 -4.97
C SER A 141 -10.74 -33.40 -4.98
N PRO A 142 -9.78 -33.10 -4.06
CA PRO A 142 -8.94 -31.89 -4.08
C PRO A 142 -7.78 -31.81 -5.07
N ILE A 143 -7.82 -30.73 -5.88
CA ILE A 143 -6.76 -30.37 -6.80
C ILE A 143 -5.76 -29.57 -5.97
N LEU A 144 -4.46 -29.72 -6.20
CA LEU A 144 -3.49 -28.82 -5.63
C LEU A 144 -2.53 -28.51 -6.77
N VAL A 145 -2.21 -27.26 -7.10
CA VAL A 145 -1.24 -26.98 -8.15
C VAL A 145 -0.13 -26.19 -7.50
N ASP A 146 1.16 -26.56 -7.61
CA ASP A 146 2.22 -25.68 -7.15
C ASP A 146 2.45 -24.72 -8.29
N VAL A 147 2.36 -23.43 -7.90
CA VAL A 147 2.54 -22.20 -8.71
C VAL A 147 3.94 -22.10 -9.33
N GLN A 148 4.87 -22.80 -8.67
CA GLN A 148 6.30 -22.64 -8.85
C GLN A 148 7.01 -22.72 -10.23
N ASP A 149 6.32 -23.01 -11.36
CA ASP A 149 6.86 -22.79 -12.72
C ASP A 149 8.06 -23.68 -13.16
N THR A 150 9.05 -23.09 -13.93
CA THR A 150 10.49 -23.41 -14.12
C THR A 150 10.92 -22.49 -15.28
N GLY A 151 12.20 -22.09 -15.40
CA GLY A 151 12.65 -21.39 -16.61
C GLY A 151 14.07 -20.79 -16.57
N ASN A 152 14.52 -20.39 -17.76
CA ASN A 152 15.76 -19.64 -17.90
C ASN A 152 15.40 -18.32 -17.23
N ILE A 153 16.05 -18.08 -16.08
CA ILE A 153 16.02 -16.77 -15.43
C ILE A 153 16.95 -15.91 -16.25
N LEU A 154 16.37 -15.14 -17.15
CA LEU A 154 17.18 -14.22 -17.86
C LEU A 154 17.16 -12.81 -17.40
N ASP A 155 16.44 -12.38 -16.40
CA ASP A 155 16.35 -10.96 -16.13
C ASP A 155 16.70 -10.79 -14.68
N PRO A 156 17.63 -9.92 -14.24
CA PRO A 156 18.05 -9.77 -12.85
C PRO A 156 16.88 -9.31 -12.05
N GLU A 157 15.99 -8.48 -12.61
CA GLU A 157 14.72 -8.19 -11.95
C GLU A 157 13.88 -9.36 -11.50
N TYR A 158 14.01 -10.55 -12.07
CA TYR A 158 13.24 -11.67 -11.60
C TYR A 158 13.64 -12.02 -10.14
N ARG A 159 14.81 -11.61 -9.67
CA ARG A 159 15.21 -11.72 -8.28
C ARG A 159 14.34 -10.92 -7.30
N LEU A 160 13.65 -9.84 -7.67
CA LEU A 160 12.89 -9.10 -6.69
C LEU A 160 11.44 -9.53 -6.76
N ALA A 161 11.14 -10.65 -7.42
CA ALA A 161 9.79 -11.12 -7.69
C ALA A 161 9.13 -11.64 -6.44
N TYR A 162 9.94 -12.14 -5.51
CA TYR A 162 9.42 -12.47 -4.20
C TYR A 162 8.81 -11.24 -3.52
N TYR A 163 9.25 -10.00 -3.83
CA TYR A 163 8.68 -8.84 -3.20
C TYR A 163 7.60 -8.32 -4.14
N ARG A 164 7.87 -8.07 -5.42
CA ARG A 164 6.92 -7.44 -6.30
C ARG A 164 5.68 -8.28 -6.50
N GLU A 165 5.78 -9.61 -6.46
CA GLU A 165 4.63 -10.43 -6.82
C GLU A 165 4.07 -11.09 -5.61
N ASP A 166 4.43 -10.63 -4.42
CA ASP A 166 3.88 -11.18 -3.20
C ASP A 166 2.36 -10.94 -3.13
N VAL A 167 1.59 -11.93 -2.72
CA VAL A 167 0.13 -11.84 -2.63
C VAL A 167 -0.31 -10.75 -1.64
N GLY A 168 0.38 -10.75 -0.48
CA GLY A 168 0.02 -9.89 0.62
C GLY A 168 0.26 -8.42 0.29
N ILE A 169 1.32 -8.05 -0.43
CA ILE A 169 1.60 -6.65 -0.78
C ILE A 169 0.57 -6.11 -1.78
N ASN A 170 0.11 -6.96 -2.70
CA ASN A 170 -0.79 -6.49 -3.74
C ASN A 170 -2.16 -6.36 -3.14
N ALA A 171 -2.56 -7.27 -2.25
CA ALA A 171 -3.83 -7.15 -1.54
C ALA A 171 -3.82 -5.92 -0.63
N HIS A 172 -2.76 -5.59 0.12
CA HIS A 172 -2.68 -4.36 0.91
C HIS A 172 -2.88 -3.18 0.00
N HIS A 173 -2.18 -3.03 -1.11
CA HIS A 173 -2.35 -1.87 -1.96
C HIS A 173 -3.78 -1.72 -2.48
N TRP A 174 -4.49 -2.80 -2.80
CA TRP A 174 -5.90 -2.71 -3.15
C TRP A 174 -6.66 -2.13 -1.97
N HIS A 175 -6.47 -2.67 -0.77
CA HIS A 175 -7.24 -2.25 0.36
C HIS A 175 -6.91 -0.82 0.76
N TRP A 176 -5.65 -0.32 0.72
CA TRP A 176 -5.34 1.04 1.11
C TRP A 176 -6.13 2.04 0.26
N HIS A 177 -6.16 1.87 -1.07
CA HIS A 177 -6.83 2.80 -1.98
C HIS A 177 -8.32 2.73 -1.82
N LEU A 178 -8.83 1.76 -1.07
CA LEU A 178 -10.25 1.70 -0.79
C LEU A 178 -10.58 2.27 0.58
N VAL A 179 -9.67 2.40 1.56
CA VAL A 179 -9.87 3.19 2.78
C VAL A 179 -9.66 4.62 2.43
N TYR A 180 -8.86 4.99 1.43
CA TYR A 180 -8.54 6.35 1.08
C TYR A 180 -8.81 6.60 -0.40
N PRO A 181 -10.08 6.55 -0.88
CA PRO A 181 -10.49 6.69 -2.26
C PRO A 181 -10.06 8.01 -2.86
N SER A 182 -9.57 8.17 -4.09
CA SER A 182 -9.24 9.49 -4.56
C SER A 182 -10.45 10.26 -4.94
N THR A 183 -11.56 9.56 -5.10
CA THR A 183 -12.82 10.23 -5.42
C THR A 183 -13.56 10.59 -4.14
N TRP A 184 -12.99 10.39 -2.93
CA TRP A 184 -13.68 10.68 -1.70
C TRP A 184 -14.17 12.13 -1.71
N ASN A 185 -15.46 12.32 -1.54
CA ASN A 185 -16.05 13.64 -1.42
C ASN A 185 -16.53 13.80 0.00
N PRO A 186 -15.92 14.72 0.75
CA PRO A 186 -16.16 14.83 2.19
C PRO A 186 -17.52 15.43 2.52
N LYS A 187 -17.99 16.33 1.66
CA LYS A 187 -19.24 17.02 1.85
C LYS A 187 -20.36 16.00 1.66
N TYR A 188 -20.21 14.99 0.79
CA TYR A 188 -21.27 14.02 0.51
C TYR A 188 -21.28 13.06 1.66
N PHE A 189 -20.18 12.72 2.29
CA PHE A 189 -20.25 11.64 3.25
C PHE A 189 -20.43 12.25 4.62
N GLY A 190 -20.33 13.57 4.74
CA GLY A 190 -20.20 14.22 6.03
C GLY A 190 -18.72 14.25 6.35
N LYS A 191 -18.32 13.07 6.78
CA LYS A 191 -16.96 12.63 7.01
C LYS A 191 -15.78 13.10 6.14
N LYS A 192 -14.69 13.46 6.87
CA LYS A 192 -13.39 13.80 6.32
C LYS A 192 -12.42 12.66 6.59
N LYS A 193 -11.50 12.35 5.67
CA LYS A 193 -10.42 11.38 5.81
C LYS A 193 -9.21 12.17 6.30
N ASP A 194 -8.87 12.19 7.57
CA ASP A 194 -7.79 13.01 8.02
C ASP A 194 -6.43 12.68 7.35
N ARG A 195 -5.85 13.74 6.79
CA ARG A 195 -4.51 13.79 6.21
C ARG A 195 -4.26 12.76 5.12
N LYS A 196 -5.33 12.61 4.31
CA LYS A 196 -5.41 11.66 3.23
C LYS A 196 -4.33 11.98 2.23
N GLY A 197 -4.13 13.26 1.89
CA GLY A 197 -3.05 13.63 0.95
C GLY A 197 -1.64 13.27 1.40
N GLU A 198 -1.41 13.51 2.69
CA GLU A 198 -0.14 13.21 3.29
C GLU A 198 0.06 11.72 3.46
N LEU A 199 -0.98 10.94 3.79
CA LEU A 199 -0.82 9.50 3.87
C LEU A 199 -0.71 8.93 2.46
N PHE A 200 -1.31 9.50 1.40
CA PHE A 200 -1.05 9.07 0.03
C PHE A 200 0.46 9.08 -0.18
N TYR A 201 1.08 10.24 0.12
CA TYR A 201 2.49 10.46 0.05
C TYR A 201 3.28 9.41 0.83
N TYR A 202 2.94 9.20 2.11
CA TYR A 202 3.81 8.43 2.99
C TYR A 202 3.69 6.95 2.66
N MET A 203 2.51 6.44 2.41
CA MET A 203 2.40 5.05 2.05
C MET A 203 3.16 4.73 0.76
N HIS A 204 3.13 5.55 -0.28
CA HIS A 204 3.79 5.19 -1.53
C HIS A 204 5.29 5.43 -1.42
N GLN A 205 5.72 6.38 -0.59
CA GLN A 205 7.10 6.56 -0.26
C GLN A 205 7.64 5.32 0.47
N GLN A 206 6.98 4.73 1.46
CA GLN A 206 7.42 3.53 2.16
C GLN A 206 7.41 2.34 1.24
N MET A 207 6.51 2.22 0.29
CA MET A 207 6.59 1.14 -0.72
C MET A 207 7.86 1.23 -1.57
N CYS A 208 8.24 2.45 -1.99
CA CYS A 208 9.51 2.66 -2.67
C CYS A 208 10.68 2.40 -1.75
N ALA A 209 10.69 2.91 -0.52
CA ALA A 209 11.79 2.78 0.41
C ALA A 209 11.94 1.33 0.68
N ARG A 210 10.89 0.61 1.01
CA ARG A 210 10.97 -0.83 1.18
C ARG A 210 11.44 -1.61 -0.07
N TYR A 211 11.05 -1.20 -1.26
CA TYR A 211 11.54 -1.81 -2.46
C TYR A 211 13.03 -1.55 -2.60
N ASP A 212 13.55 -0.36 -2.31
CA ASP A 212 14.96 -0.13 -2.47
C ASP A 212 15.77 -0.89 -1.44
N CYS A 213 15.30 -1.27 -0.27
CA CYS A 213 15.97 -2.19 0.63
C CYS A 213 15.96 -3.59 0.07
N GLU A 214 15.05 -4.04 -0.80
CA GLU A 214 15.21 -5.34 -1.48
C GLU A 214 16.24 -5.28 -2.61
N ARG A 215 16.34 -4.22 -3.42
CA ARG A 215 17.36 -4.14 -4.42
C ARG A 215 18.70 -4.24 -3.74
N LEU A 216 18.99 -3.43 -2.72
CA LEU A 216 20.27 -3.45 -2.03
C LEU A 216 20.44 -4.79 -1.35
N SER A 217 19.43 -5.44 -0.78
CA SER A 217 19.59 -6.79 -0.25
C SER A 217 20.13 -7.76 -1.29
N ASN A 218 19.74 -7.55 -2.56
CA ASN A 218 20.10 -8.40 -3.69
C ASN A 218 21.29 -7.92 -4.51
N GLY A 219 22.01 -6.94 -3.98
CA GLY A 219 23.22 -6.50 -4.63
C GLY A 219 22.95 -5.52 -5.74
N MET A 220 21.73 -4.97 -5.82
CA MET A 220 21.34 -4.10 -6.89
C MET A 220 21.32 -2.63 -6.47
N HIS A 221 21.49 -1.74 -7.40
CA HIS A 221 21.40 -0.30 -7.19
C HIS A 221 20.04 0.16 -6.77
N ARG A 222 19.93 1.31 -6.15
CA ARG A 222 18.65 1.88 -5.86
C ARG A 222 18.00 2.26 -7.20
N MET A 223 16.67 2.16 -7.20
CA MET A 223 15.85 2.46 -8.36
C MET A 223 15.84 3.91 -8.71
N LEU A 224 15.83 4.15 -10.00
CA LEU A 224 16.00 5.50 -10.47
C LEU A 224 14.66 6.08 -10.88
N PRO A 225 14.36 7.37 -10.62
CA PRO A 225 13.12 8.01 -10.93
C PRO A 225 12.89 8.05 -12.43
N PHE A 226 11.64 7.86 -12.84
CA PHE A 226 11.24 8.10 -14.19
C PHE A 226 11.01 9.60 -14.26
N ASN A 227 12.07 10.41 -14.43
CA ASN A 227 11.77 11.85 -14.50
C ASN A 227 11.84 12.48 -15.89
N ASN A 228 12.25 11.77 -16.92
CA ASN A 228 12.17 12.29 -18.24
C ASN A 228 11.14 11.52 -19.02
N PHE A 229 10.09 12.09 -19.59
CA PHE A 229 9.01 11.31 -20.13
C PHE A 229 9.31 10.83 -21.53
N ASP A 230 10.50 11.07 -22.05
CA ASP A 230 10.95 10.59 -23.36
C ASP A 230 11.67 9.29 -23.28
N GLU A 231 12.06 8.81 -22.11
CA GLU A 231 12.89 7.66 -22.07
C GLU A 231 12.10 6.38 -22.28
N PRO A 232 12.61 5.34 -22.92
CA PRO A 232 11.82 4.17 -23.21
C PRO A 232 11.69 3.37 -21.96
N LEU A 233 10.57 2.72 -21.74
CA LEU A 233 10.43 1.92 -20.55
C LEU A 233 11.02 0.54 -20.72
N ALA A 234 11.56 -0.02 -19.66
CA ALA A 234 11.91 -1.43 -19.60
C ALA A 234 10.63 -2.22 -19.66
N GLY A 235 10.67 -3.47 -20.08
CA GLY A 235 9.46 -4.22 -20.37
C GLY A 235 9.07 -5.11 -19.22
N TYR A 236 7.84 -5.57 -19.14
CA TYR A 236 7.46 -6.56 -18.17
C TYR A 236 6.23 -7.27 -18.67
N ALA A 237 6.34 -8.62 -18.69
CA ALA A 237 5.27 -9.54 -19.03
C ALA A 237 4.70 -10.14 -17.71
N PRO A 238 3.42 -9.95 -17.33
CA PRO A 238 2.87 -10.33 -16.04
C PRO A 238 2.40 -11.73 -15.90
N HIS A 239 1.98 -12.30 -17.04
CA HIS A 239 1.50 -13.66 -17.16
C HIS A 239 0.29 -13.86 -16.27
N LEU A 240 -0.69 -12.98 -16.40
CA LEU A 240 -1.95 -13.08 -15.64
C LEU A 240 -3.11 -13.13 -16.63
N THR A 241 -4.04 -14.06 -16.47
CA THR A 241 -5.23 -14.11 -17.29
C THR A 241 -6.34 -13.44 -16.57
N HIS A 242 -7.42 -13.13 -17.29
CA HIS A 242 -8.63 -12.63 -16.73
C HIS A 242 -9.65 -13.68 -17.18
N VAL A 243 -9.79 -14.73 -16.38
CA VAL A 243 -10.63 -15.87 -16.72
C VAL A 243 -12.07 -15.45 -17.01
N ALA A 244 -12.53 -14.30 -16.48
CA ALA A 244 -13.86 -13.74 -16.78
C ALA A 244 -14.08 -13.49 -18.28
N SER A 245 -13.08 -13.67 -19.17
CA SER A 245 -13.29 -13.29 -20.54
C SER A 245 -12.24 -13.85 -21.47
N GLY A 246 -11.20 -14.49 -20.91
CA GLY A 246 -10.09 -14.95 -21.70
C GLY A 246 -9.12 -13.85 -22.07
N LYS A 247 -9.34 -12.62 -21.63
CA LYS A 247 -8.41 -11.51 -21.86
C LYS A 247 -7.28 -11.65 -20.85
N TYR A 248 -6.18 -10.98 -21.04
CA TYR A 248 -5.05 -11.05 -20.17
C TYR A 248 -4.72 -9.57 -20.00
N TYR A 249 -3.93 -9.29 -18.96
CA TYR A 249 -3.22 -8.03 -18.81
C TYR A 249 -2.19 -7.99 -19.94
N SER A 250 -2.15 -6.99 -20.82
CA SER A 250 -1.19 -7.00 -21.90
C SER A 250 0.24 -6.85 -21.44
N PRO A 251 1.14 -7.67 -21.94
CA PRO A 251 2.56 -7.50 -21.63
C PRO A 251 3.12 -6.23 -22.26
N ARG A 252 4.29 -5.73 -21.81
CA ARG A 252 4.96 -4.55 -22.33
C ARG A 252 6.36 -5.02 -22.70
N PRO A 253 6.73 -5.03 -23.98
CA PRO A 253 8.10 -5.37 -24.39
C PRO A 253 9.08 -4.28 -24.03
N ASP A 254 10.37 -4.55 -24.12
CA ASP A 254 11.35 -3.51 -23.96
C ASP A 254 11.29 -2.49 -25.07
N GLY A 255 11.64 -1.26 -24.68
CA GLY A 255 11.94 -0.18 -25.60
C GLY A 255 10.77 0.66 -26.09
N LEU A 256 9.59 0.65 -25.44
CA LEU A 256 8.52 1.54 -25.91
C LEU A 256 8.60 2.89 -25.14
N LYS A 257 8.06 3.97 -25.70
CA LYS A 257 8.04 5.28 -25.06
C LYS A 257 6.60 5.67 -24.89
N LEU A 258 6.30 6.47 -23.86
CA LEU A 258 4.96 6.89 -23.58
C LEU A 258 4.37 7.60 -24.81
N ARG A 259 3.11 7.37 -25.19
CA ARG A 259 2.50 7.97 -26.38
C ARG A 259 1.18 8.58 -25.93
N ASP A 260 0.67 9.58 -26.65
CA ASP A 260 -0.53 10.30 -26.22
C ASP A 260 -1.66 9.31 -26.33
N LEU A 261 -2.62 9.39 -25.42
CA LEU A 261 -3.81 8.58 -25.54
C LEU A 261 -4.85 9.58 -26.01
N GLY A 262 -5.99 9.12 -26.48
CA GLY A 262 -7.09 10.02 -26.75
C GLY A 262 -7.43 10.90 -25.55
N ASP A 263 -7.34 10.43 -24.31
CA ASP A 263 -7.75 11.23 -23.17
C ASP A 263 -6.76 12.18 -22.62
N ILE A 264 -5.47 12.01 -22.88
CA ILE A 264 -4.41 12.83 -22.30
C ILE A 264 -3.21 12.82 -23.26
N GLU A 265 -2.57 13.97 -23.47
CA GLU A 265 -1.33 14.03 -24.20
C GLU A 265 -0.20 14.03 -23.19
N ILE A 266 0.95 13.44 -23.49
CA ILE A 266 2.09 13.41 -22.64
C ILE A 266 2.51 14.82 -22.36
N SER A 267 2.45 15.80 -23.27
CA SER A 267 2.86 17.17 -22.95
C SER A 267 1.99 17.86 -21.93
N GLU A 268 0.78 17.37 -21.77
CA GLU A 268 -0.08 17.82 -20.70
C GLU A 268 0.44 17.31 -19.38
N MET A 269 1.10 16.15 -19.30
CA MET A 269 1.69 15.69 -18.05
C MET A 269 2.93 16.46 -17.66
N VAL A 270 3.81 16.73 -18.63
CA VAL A 270 4.98 17.58 -18.40
C VAL A 270 4.53 18.92 -17.84
N ARG A 271 3.52 19.47 -18.42
CA ARG A 271 2.91 20.72 -17.99
C ARG A 271 2.33 20.71 -16.57
N MET A 272 1.56 19.71 -16.15
CA MET A 272 1.20 19.54 -14.75
C MET A 272 2.47 19.44 -13.92
N ARG A 273 3.52 18.69 -14.25
CA ARG A 273 4.68 18.65 -13.39
C ARG A 273 5.32 20.03 -13.19
N GLU A 274 5.39 20.81 -14.25
CA GLU A 274 6.05 22.10 -14.18
C GLU A 274 5.25 23.09 -13.34
N ARG A 275 3.94 23.14 -13.49
CA ARG A 275 3.06 23.93 -12.64
C ARG A 275 3.19 23.52 -11.19
N ILE A 276 3.23 22.23 -10.81
CA ILE A 276 3.42 21.86 -9.43
C ILE A 276 4.77 22.33 -8.88
N LEU A 277 5.87 22.28 -9.64
CA LEU A 277 7.18 22.64 -9.10
C LEU A 277 7.35 24.11 -8.84
N ASP A 278 6.63 24.88 -9.62
CA ASP A 278 6.52 26.33 -9.52
C ASP A 278 5.98 26.74 -8.15
N SER A 279 4.81 26.18 -7.82
CA SER A 279 4.16 26.44 -6.57
C SER A 279 5.01 26.00 -5.41
N ILE A 280 5.55 24.78 -5.41
CA ILE A 280 6.53 24.38 -4.42
C ILE A 280 7.64 25.43 -4.36
N HIS A 281 8.19 26.01 -5.43
CA HIS A 281 9.27 26.98 -5.25
C HIS A 281 8.86 28.36 -4.92
N LEU A 282 7.61 28.72 -5.12
CA LEU A 282 7.01 29.96 -4.65
C LEU A 282 6.39 29.87 -3.25
N GLY A 283 6.04 28.70 -2.73
CA GLY A 283 5.49 28.56 -1.41
C GLY A 283 4.00 28.66 -1.43
N TYR A 284 3.26 28.71 -2.53
CA TYR A 284 1.82 28.81 -2.49
C TYR A 284 1.22 28.11 -3.69
N VAL A 285 0.00 27.62 -3.59
CA VAL A 285 -0.69 27.09 -4.73
C VAL A 285 -1.78 28.07 -5.12
N ILE A 286 -2.48 27.86 -6.20
CA ILE A 286 -3.49 28.81 -6.64
C ILE A 286 -4.80 28.06 -6.61
N SER A 287 -5.69 28.49 -5.74
CA SER A 287 -7.05 28.01 -5.71
C SER A 287 -7.80 28.31 -6.98
N GLU A 288 -8.89 27.60 -7.15
CA GLU A 288 -9.80 27.83 -8.25
C GLU A 288 -10.20 29.26 -8.38
N ASP A 289 -10.51 30.00 -7.33
CA ASP A 289 -10.75 31.44 -7.46
C ASP A 289 -9.50 32.33 -7.69
N GLY A 290 -8.42 31.91 -8.38
CA GLY A 290 -7.27 32.79 -8.64
C GLY A 290 -6.45 33.21 -7.41
N SER A 291 -6.91 32.94 -6.18
CA SER A 291 -6.16 33.18 -4.96
C SER A 291 -5.09 32.14 -4.48
N HIS A 292 -4.24 32.58 -3.56
CA HIS A 292 -3.07 31.83 -3.18
C HIS A 292 -3.26 31.06 -1.87
N LYS A 293 -2.97 29.79 -1.76
CA LYS A 293 -3.05 29.07 -0.49
C LYS A 293 -1.61 28.71 -0.13
N THR A 294 -1.15 28.93 1.09
CA THR A 294 0.25 28.79 1.44
C THR A 294 0.55 27.37 1.76
N LEU A 295 1.69 26.93 1.26
CA LEU A 295 2.21 25.62 1.59
C LEU A 295 2.92 25.69 2.91
N ASP A 296 2.09 25.94 3.93
CA ASP A 296 2.59 25.99 5.29
C ASP A 296 3.12 24.63 5.80
N GLU A 297 3.92 24.61 6.85
CA GLU A 297 4.58 23.44 7.42
C GLU A 297 3.60 22.44 7.97
N LEU A 298 2.37 22.83 8.21
CA LEU A 298 1.44 22.02 8.94
C LEU A 298 0.52 21.36 7.93
N HIS A 299 0.19 22.02 6.83
CA HIS A 299 -0.70 21.36 5.93
C HIS A 299 -0.02 21.15 4.59
N GLY A 300 1.19 21.63 4.33
CA GLY A 300 1.78 21.61 3.01
C GLY A 300 1.79 20.25 2.40
N THR A 301 2.20 19.15 3.00
CA THR A 301 2.25 17.87 2.36
C THR A 301 0.86 17.39 2.11
N ASP A 302 -0.13 17.63 2.98
CA ASP A 302 -1.46 17.19 2.65
C ASP A 302 -2.03 17.96 1.45
N ILE A 303 -1.91 19.26 1.25
CA ILE A 303 -2.41 19.99 0.07
C ILE A 303 -1.72 19.46 -1.19
N LEU A 304 -0.43 19.22 -1.11
CA LEU A 304 0.30 18.69 -2.25
C LEU A 304 -0.14 17.26 -2.54
N GLY A 305 -0.40 16.38 -1.58
CA GLY A 305 -0.89 15.03 -1.83
C GLY A 305 -2.17 15.02 -2.63
N ALA A 306 -3.06 15.92 -2.21
CA ALA A 306 -4.37 16.02 -2.86
C ALA A 306 -4.24 16.49 -4.30
N LEU A 307 -3.28 17.37 -4.68
CA LEU A 307 -3.23 17.81 -6.06
C LEU A 307 -2.28 17.07 -6.99
N VAL A 308 -1.43 16.23 -6.38
CA VAL A 308 -0.50 15.41 -7.11
C VAL A 308 -1.19 14.11 -7.47
N GLU A 309 -2.00 13.52 -6.58
CA GLU A 309 -2.57 12.22 -6.86
C GLU A 309 -3.40 12.20 -8.12
N SER A 310 -4.44 12.98 -8.50
CA SER A 310 -5.02 14.01 -7.66
C SER A 310 -6.29 13.49 -7.00
N SER A 311 -6.75 14.05 -5.90
CA SER A 311 -8.00 13.63 -5.35
C SER A 311 -9.01 14.68 -5.73
N TYR A 312 -10.24 14.34 -5.41
CA TYR A 312 -11.36 15.23 -5.36
C TYR A 312 -11.03 16.47 -4.56
N GLU A 313 -10.21 16.40 -3.53
CA GLU A 313 -9.87 17.57 -2.74
C GLU A 313 -8.73 18.43 -3.26
N SER A 314 -8.20 18.23 -4.47
CA SER A 314 -7.25 19.17 -5.04
C SER A 314 -7.75 20.63 -4.95
N VAL A 315 -6.94 21.63 -4.56
CA VAL A 315 -7.42 23.00 -4.52
C VAL A 315 -7.73 23.52 -5.93
N ASN A 316 -7.23 22.88 -6.97
CA ASN A 316 -7.38 23.38 -8.32
C ASN A 316 -7.07 22.29 -9.31
N HIS A 317 -8.06 21.59 -9.80
CA HIS A 317 -7.90 20.38 -10.64
C HIS A 317 -7.58 20.82 -12.06
N GLU A 318 -8.17 21.94 -12.45
CA GLU A 318 -8.05 22.49 -13.78
C GLU A 318 -6.59 22.82 -14.08
N TYR A 319 -5.95 23.40 -13.09
CA TYR A 319 -4.62 23.85 -13.30
C TYR A 319 -3.64 22.77 -12.88
N TYR A 320 -3.68 22.02 -11.79
CA TYR A 320 -2.58 21.09 -11.55
C TYR A 320 -2.80 19.72 -12.16
N GLY A 321 -4.04 19.40 -12.54
CA GLY A 321 -4.37 18.19 -13.26
C GLY A 321 -4.47 16.98 -12.38
N ASN A 322 -3.84 15.91 -12.79
CA ASN A 322 -4.06 14.61 -12.22
C ASN A 322 -2.81 13.80 -12.54
N LEU A 323 -1.62 14.26 -12.19
CA LEU A 323 -0.38 13.70 -12.71
C LEU A 323 -0.11 12.26 -12.33
N HIS A 324 -0.16 11.86 -11.05
CA HIS A 324 0.17 10.51 -10.63
C HIS A 324 -0.75 9.51 -11.32
N ASN A 325 -2.05 9.71 -11.24
CA ASN A 325 -3.03 8.80 -11.82
C ASN A 325 -2.97 8.76 -13.34
N TRP A 326 -2.79 9.86 -14.10
CA TRP A 326 -2.54 9.72 -15.52
C TRP A 326 -1.24 8.95 -15.82
N GLY A 327 -0.26 8.94 -14.94
CA GLY A 327 0.93 8.13 -15.15
C GLY A 327 0.64 6.64 -15.17
N HIS A 328 -0.17 6.15 -14.23
CA HIS A 328 -0.66 4.80 -14.29
C HIS A 328 -1.39 4.54 -15.57
N VAL A 329 -2.29 5.43 -16.02
CA VAL A 329 -3.07 5.12 -17.22
C VAL A 329 -2.17 5.16 -18.46
N THR A 330 -1.25 6.12 -18.64
CA THR A 330 -0.49 6.12 -19.85
C THR A 330 0.55 5.01 -19.89
N MET A 331 1.13 4.55 -18.77
CA MET A 331 2.01 3.41 -18.78
C MET A 331 1.30 2.08 -19.02
N ALA A 332 0.05 1.93 -18.55
CA ALA A 332 -0.76 0.72 -18.71
C ALA A 332 -1.30 0.60 -20.11
N ARG A 333 -1.44 1.68 -20.85
CA ARG A 333 -1.87 1.62 -22.23
C ARG A 333 -0.79 1.80 -23.30
N ILE A 334 0.50 1.78 -22.96
CA ILE A 334 1.58 2.06 -23.87
C ILE A 334 1.61 1.07 -25.04
N HIS A 335 1.12 -0.15 -24.89
CA HIS A 335 1.11 -1.11 -25.99
C HIS A 335 0.05 -0.82 -27.04
N ASP A 336 -0.92 0.01 -26.66
CA ASP A 336 -2.03 0.30 -27.52
C ASP A 336 -2.58 1.71 -27.19
N PRO A 337 -1.84 2.81 -27.33
CA PRO A 337 -2.28 4.11 -26.83
C PRO A 337 -3.61 4.62 -27.33
N ASP A 338 -4.01 4.29 -28.54
CA ASP A 338 -5.33 4.65 -28.99
C ASP A 338 -6.30 3.51 -29.09
N GLY A 339 -6.16 2.33 -28.56
CA GLY A 339 -7.28 1.42 -28.59
C GLY A 339 -7.44 0.74 -29.92
N ARG A 340 -6.74 1.07 -31.02
CA ARG A 340 -6.94 0.34 -32.28
C ARG A 340 -6.66 -1.17 -32.25
N PHE A 341 -5.87 -1.66 -31.29
CA PHE A 341 -5.61 -3.09 -31.18
C PHE A 341 -6.60 -3.81 -30.31
N HIS A 342 -7.54 -3.10 -29.70
CA HIS A 342 -8.49 -3.70 -28.78
C HIS A 342 -7.80 -4.60 -27.78
N GLU A 343 -6.70 -4.14 -27.20
CA GLU A 343 -5.95 -4.94 -26.22
C GLU A 343 -6.28 -4.43 -24.82
N GLU A 344 -6.26 -5.25 -23.77
CA GLU A 344 -6.57 -4.82 -22.40
C GLU A 344 -5.34 -4.12 -21.81
N PRO A 345 -5.47 -3.23 -20.81
CA PRO A 345 -4.35 -2.55 -20.19
C PRO A 345 -3.39 -3.50 -19.49
N GLY A 346 -2.16 -3.07 -19.20
CA GLY A 346 -1.27 -3.85 -18.36
C GLY A 346 -1.57 -3.73 -16.87
N VAL A 347 -0.78 -4.37 -16.04
CA VAL A 347 -1.05 -4.42 -14.62
C VAL A 347 -1.01 -3.06 -13.89
N MET A 348 -0.44 -2.00 -14.49
CA MET A 348 -0.45 -0.69 -13.86
C MET A 348 -1.86 -0.06 -13.80
N SER A 349 -2.89 -0.62 -14.43
CA SER A 349 -4.28 -0.14 -14.36
C SER A 349 -4.97 -0.47 -13.06
N ASP A 350 -4.45 -1.31 -12.16
CA ASP A 350 -5.26 -1.94 -11.17
C ASP A 350 -4.48 -1.81 -9.88
N THR A 351 -5.02 -1.37 -8.76
CA THR A 351 -4.29 -1.41 -7.50
C THR A 351 -4.01 -2.83 -7.01
N SER A 352 -4.55 -3.97 -7.52
CA SER A 352 -4.17 -5.28 -7.01
C SER A 352 -2.99 -5.84 -7.73
N THR A 353 -2.59 -5.23 -8.82
CA THR A 353 -1.56 -5.82 -9.63
C THR A 353 -0.42 -4.85 -9.88
N SER A 354 -0.61 -3.53 -9.77
CA SER A 354 0.44 -2.62 -10.19
C SER A 354 1.77 -2.69 -9.49
N LEU A 355 1.88 -3.21 -8.28
CA LEU A 355 3.17 -3.35 -7.63
C LEU A 355 4.05 -4.43 -8.27
N ARG A 356 3.49 -5.30 -9.13
CA ARG A 356 4.24 -6.39 -9.75
C ARG A 356 5.20 -5.90 -10.82
N ASP A 357 4.85 -4.79 -11.45
CA ASP A 357 5.60 -4.25 -12.57
C ASP A 357 6.78 -3.43 -12.07
N PRO A 358 8.05 -3.64 -12.40
CA PRO A 358 9.17 -2.81 -11.96
C PRO A 358 8.99 -1.34 -12.24
N ILE A 359 8.18 -0.93 -13.24
CA ILE A 359 8.01 0.45 -13.61
C ILE A 359 7.19 1.22 -12.60
N PHE A 360 6.41 0.54 -11.72
CA PHE A 360 5.71 1.16 -10.62
C PHE A 360 6.72 1.99 -9.85
N TYR A 361 7.89 1.47 -9.57
CA TYR A 361 8.78 2.10 -8.62
C TYR A 361 9.50 3.25 -9.28
N ASN A 362 9.75 3.20 -10.58
CA ASN A 362 10.30 4.33 -11.31
C ASN A 362 9.35 5.51 -11.27
N TRP A 363 8.07 5.25 -11.53
CA TRP A 363 7.07 6.32 -11.54
C TRP A 363 6.86 6.85 -10.13
N HIS A 364 6.78 6.03 -9.09
CA HIS A 364 6.49 6.53 -7.77
C HIS A 364 7.73 7.04 -7.09
N ARG A 365 8.98 6.75 -7.48
CA ARG A 365 10.10 7.57 -7.06
C ARG A 365 10.14 8.92 -7.76
N PHE A 366 9.76 9.06 -9.02
CA PHE A 366 9.50 10.36 -9.60
C PHE A 366 8.50 11.17 -8.75
N ILE A 367 7.30 10.65 -8.47
CA ILE A 367 6.29 11.34 -7.69
C ILE A 367 6.82 11.66 -6.30
N ASP A 368 7.42 10.73 -5.60
CA ASP A 368 8.13 11.02 -4.37
C ASP A 368 9.17 12.12 -4.43
N ASN A 369 9.94 12.22 -5.48
CA ASN A 369 10.75 13.39 -5.68
C ASN A 369 10.01 14.71 -5.72
N ILE A 370 8.77 14.79 -6.21
CA ILE A 370 8.01 16.03 -6.08
C ILE A 370 7.75 16.32 -4.60
N PHE A 371 7.42 15.36 -3.74
CA PHE A 371 7.17 15.67 -2.35
C PHE A 371 8.44 16.06 -1.62
N HIS A 372 9.58 15.52 -2.05
CA HIS A 372 10.88 15.74 -1.45
C HIS A 372 11.41 17.13 -1.76
N GLU A 373 11.07 17.71 -2.90
CA GLU A 373 11.39 19.09 -3.20
C GLU A 373 10.73 19.99 -2.24
N TYR A 374 9.47 19.68 -1.91
CA TYR A 374 8.71 20.42 -0.95
C TYR A 374 9.35 20.25 0.41
N LYS A 375 9.67 19.04 0.86
CA LYS A 375 10.24 18.80 2.19
C LYS A 375 11.57 19.51 2.32
N ASN A 376 12.23 19.67 1.18
CA ASN A 376 13.49 20.37 1.15
C ASN A 376 13.40 21.83 1.32
N THR A 377 12.22 22.44 1.13
CA THR A 377 12.09 23.86 1.41
C THR A 377 11.80 24.04 2.91
N LEU A 378 11.61 23.00 3.74
CA LEU A 378 11.34 23.16 5.14
C LEU A 378 12.69 23.15 5.84
N LYS A 379 12.74 23.83 6.99
CA LYS A 379 13.97 23.96 7.76
C LYS A 379 14.32 22.69 8.50
N PRO A 380 15.55 22.17 8.66
CA PRO A 380 15.85 21.00 9.47
C PRO A 380 15.30 21.19 10.86
N TYR A 381 14.86 20.12 11.52
CA TYR A 381 14.44 20.17 12.90
C TYR A 381 15.62 20.58 13.79
N ASP A 382 15.40 21.45 14.77
CA ASP A 382 16.44 21.64 15.76
C ASP A 382 16.21 20.74 16.93
N HIS A 383 17.21 20.75 17.79
CA HIS A 383 17.25 19.92 18.99
C HIS A 383 15.96 20.04 19.81
N ASP A 384 15.48 21.26 19.94
CA ASP A 384 14.15 21.54 20.45
C ASP A 384 12.97 20.67 19.96
N VAL A 385 12.81 20.38 18.65
CA VAL A 385 11.63 19.64 18.17
C VAL A 385 11.89 18.15 18.25
N LEU A 386 13.13 17.72 18.21
CA LEU A 386 13.48 16.34 18.38
C LEU A 386 13.49 15.89 19.85
N ASN A 387 14.36 16.47 20.69
CA ASN A 387 14.55 16.14 22.12
C ASN A 387 13.28 16.08 22.98
N PHE A 388 13.36 15.11 23.91
CA PHE A 388 12.35 14.78 24.90
C PHE A 388 13.26 14.73 26.12
N PRO A 389 13.30 15.81 26.91
CA PRO A 389 14.36 16.11 27.86
C PRO A 389 14.16 15.28 29.08
N ASP A 390 15.21 14.97 29.80
CA ASP A 390 15.14 14.06 30.94
C ASP A 390 14.92 12.60 30.51
N ILE A 391 14.50 12.27 29.28
CA ILE A 391 14.47 10.90 28.76
C ILE A 391 15.81 10.59 28.14
N GLN A 392 16.50 9.54 28.52
CA GLN A 392 17.69 9.17 27.79
C GLN A 392 17.57 7.72 27.37
N VAL A 393 17.81 7.36 26.09
CA VAL A 393 17.82 5.97 25.66
C VAL A 393 19.25 5.53 25.81
N GLN A 394 19.37 4.37 26.45
CA GLN A 394 20.67 3.83 26.77
C GLN A 394 21.00 2.55 26.07
N ASP A 395 20.04 1.83 25.51
CA ASP A 395 20.40 0.62 24.82
C ASP A 395 19.19 0.13 24.11
N VAL A 396 19.35 -0.54 22.95
CA VAL A 396 18.28 -1.34 22.32
C VAL A 396 19.00 -2.66 22.04
N THR A 397 18.30 -3.76 22.16
CA THR A 397 18.77 -5.08 21.80
C THR A 397 17.60 -5.67 21.03
N LEU A 398 17.92 -6.49 20.04
CA LEU A 398 16.91 -7.20 19.31
C LEU A 398 17.18 -8.63 19.77
N HIS A 399 16.15 -9.29 20.28
CA HIS A 399 16.29 -10.64 20.73
C HIS A 399 15.59 -11.51 19.70
N ALA A 400 16.29 -12.55 19.24
CA ALA A 400 15.82 -13.48 18.22
C ALA A 400 16.58 -14.79 18.52
N ARG A 401 16.81 -15.78 17.64
CA ARG A 401 17.60 -16.97 17.97
C ARG A 401 19.02 -16.59 18.28
N VAL A 402 19.51 -15.55 17.61
CA VAL A 402 20.87 -15.03 17.81
C VAL A 402 20.55 -13.57 17.88
N ASP A 403 21.04 -12.97 18.95
CA ASP A 403 20.65 -11.64 19.38
C ASP A 403 21.13 -10.60 18.40
N ASN A 404 20.32 -9.64 17.95
CA ASN A 404 20.66 -8.72 16.89
C ASN A 404 20.94 -9.32 15.53
N VAL A 405 20.52 -10.56 15.23
CA VAL A 405 20.45 -11.04 13.86
C VAL A 405 19.01 -11.47 13.67
N VAL A 406 18.39 -11.10 12.55
CA VAL A 406 17.06 -11.55 12.25
C VAL A 406 17.26 -12.54 11.16
N HIS A 407 16.54 -13.63 11.10
CA HIS A 407 16.77 -14.56 10.03
C HIS A 407 15.57 -14.53 9.11
N THR A 408 15.76 -14.48 7.77
CA THR A 408 14.66 -14.65 6.83
C THR A 408 14.83 -15.90 5.97
N PHE A 409 13.74 -16.33 5.34
CA PHE A 409 13.68 -17.58 4.65
C PHE A 409 12.41 -17.54 3.82
N MET A 410 12.19 -18.48 2.91
CA MET A 410 10.98 -18.54 2.12
C MET A 410 10.12 -19.59 2.73
N ARG A 411 8.84 -19.57 2.47
CA ARG A 411 7.97 -20.43 3.19
C ARG A 411 6.90 -20.65 2.18
N GLU A 412 6.35 -21.86 2.23
CA GLU A 412 5.30 -22.32 1.34
C GLU A 412 3.98 -21.92 1.89
N GLN A 413 3.05 -21.56 1.04
CA GLN A 413 1.70 -21.30 1.47
C GLN A 413 0.74 -21.80 0.40
N GLU A 414 -0.56 -21.87 0.61
CA GLU A 414 -1.49 -22.36 -0.38
C GLU A 414 -2.62 -21.34 -0.44
N LEU A 415 -3.22 -21.06 -1.61
CA LEU A 415 -4.34 -20.16 -1.76
C LEU A 415 -5.53 -21.00 -2.29
N GLU A 416 -6.75 -20.87 -1.77
CA GLU A 416 -7.92 -21.54 -2.21
C GLU A 416 -8.52 -20.82 -3.38
N LEU A 417 -8.69 -21.43 -4.55
CA LEU A 417 -9.25 -20.74 -5.72
C LEU A 417 -10.76 -20.89 -5.87
N LYS A 418 -11.40 -21.79 -5.10
CA LYS A 418 -12.79 -22.17 -5.40
C LYS A 418 -13.84 -21.12 -5.19
N HIS A 419 -13.57 -20.03 -4.49
CA HIS A 419 -14.65 -19.07 -4.30
C HIS A 419 -14.66 -18.01 -5.37
N GLY A 420 -13.58 -18.08 -6.15
CA GLY A 420 -13.36 -17.12 -7.20
C GLY A 420 -13.41 -17.72 -8.58
N ILE A 421 -12.91 -18.95 -8.87
CA ILE A 421 -13.06 -19.59 -10.21
C ILE A 421 -14.05 -20.75 -10.06
N ASN A 422 -14.70 -21.13 -11.16
CA ASN A 422 -15.73 -22.13 -11.09
C ASN A 422 -15.09 -23.47 -10.80
N PRO A 423 -15.58 -24.17 -9.77
CA PRO A 423 -14.89 -25.33 -9.20
C PRO A 423 -15.45 -26.70 -9.63
N GLY A 424 -16.69 -26.63 -10.15
CA GLY A 424 -17.45 -27.79 -10.54
C GLY A 424 -17.65 -28.69 -9.33
N ASN A 425 -16.80 -29.71 -9.27
CA ASN A 425 -17.08 -30.76 -8.32
C ASN A 425 -15.93 -31.09 -7.41
N ALA A 426 -14.78 -30.47 -7.68
CA ALA A 426 -13.72 -30.54 -6.70
C ALA A 426 -14.23 -29.78 -5.48
N ARG A 427 -13.80 -30.18 -4.30
CA ARG A 427 -14.17 -29.41 -3.15
C ARG A 427 -13.13 -28.34 -2.92
N SER A 428 -11.97 -28.26 -3.57
CA SER A 428 -10.92 -27.37 -3.12
C SER A 428 -9.93 -27.42 -4.26
N ILE A 429 -9.55 -26.28 -4.82
CA ILE A 429 -8.47 -26.22 -5.78
C ILE A 429 -7.55 -25.31 -5.04
N LYS A 430 -6.39 -25.68 -4.52
CA LYS A 430 -5.52 -24.75 -3.85
C LYS A 430 -4.32 -24.53 -4.73
N ALA A 431 -3.73 -23.36 -4.88
CA ALA A 431 -2.42 -23.25 -5.50
C ALA A 431 -1.37 -22.95 -4.44
N ARG A 432 -0.17 -23.48 -4.50
CA ARG A 432 0.79 -23.35 -3.45
C ARG A 432 1.84 -22.43 -3.99
N TYR A 433 2.25 -21.44 -3.22
CA TYR A 433 3.18 -20.45 -3.69
C TYR A 433 4.17 -20.34 -2.56
N TYR A 434 5.26 -19.62 -2.69
CA TYR A 434 6.28 -19.47 -1.66
C TYR A 434 6.42 -17.96 -1.44
N HIS A 435 6.78 -17.45 -0.25
CA HIS A 435 6.89 -16.01 -0.01
C HIS A 435 8.00 -15.77 1.00
N LEU A 436 8.70 -14.64 1.08
CA LEU A 436 9.67 -14.38 2.15
C LEU A 436 8.98 -14.36 3.52
N ASP A 437 9.69 -14.70 4.61
CA ASP A 437 9.20 -14.59 5.97
C ASP A 437 10.42 -14.53 6.86
N HIS A 438 10.27 -14.18 8.15
CA HIS A 438 11.36 -13.93 9.07
C HIS A 438 11.01 -14.61 10.39
N GLU A 439 12.01 -15.02 11.17
CA GLU A 439 11.73 -15.46 12.53
C GLU A 439 11.19 -14.31 13.36
N PRO A 440 10.32 -14.63 14.32
CA PRO A 440 9.84 -13.74 15.39
C PRO A 440 10.96 -13.06 16.17
N PHE A 441 10.81 -11.82 16.61
CA PHE A 441 11.84 -11.20 17.38
C PHE A 441 11.17 -10.21 18.28
N SER A 442 11.93 -9.67 19.22
CA SER A 442 11.45 -8.66 20.13
C SER A 442 12.52 -7.62 20.35
N TYR A 443 12.12 -6.44 20.79
CA TYR A 443 13.10 -5.40 21.09
C TYR A 443 13.16 -5.27 22.60
N ALA A 444 14.25 -4.81 23.14
CA ALA A 444 14.26 -4.42 24.52
C ALA A 444 14.94 -3.07 24.55
N VAL A 445 14.20 -2.01 24.88
CA VAL A 445 14.75 -0.65 24.98
C VAL A 445 14.95 -0.27 26.44
N ASN A 446 16.17 0.04 26.79
CA ASN A 446 16.55 0.59 28.09
C ASN A 446 16.41 2.09 28.14
N VAL A 447 15.55 2.67 28.95
CA VAL A 447 15.36 4.13 28.95
C VAL A 447 15.53 4.59 30.39
N GLN A 448 16.24 5.68 30.60
CA GLN A 448 16.43 6.25 31.90
C GLN A 448 15.52 7.48 31.95
N ASN A 449 14.58 7.54 32.88
CA ASN A 449 13.65 8.66 32.99
C ASN A 449 14.16 9.48 34.13
N ASN A 450 14.86 10.56 33.88
CA ASN A 450 15.38 11.32 34.98
C ASN A 450 14.42 12.40 35.39
N SER A 451 13.15 12.51 35.03
CA SER A 451 12.34 13.44 35.79
C SER A 451 12.02 12.68 37.08
N ALA A 452 11.11 13.18 37.90
CA ALA A 452 10.71 12.46 39.07
C ALA A 452 9.21 12.23 38.95
N SER A 453 8.67 12.21 37.72
CA SER A 453 7.28 11.92 37.40
C SER A 453 7.23 10.77 36.40
N ASP A 454 6.12 10.07 36.30
CA ASP A 454 5.90 9.15 35.20
C ASP A 454 5.76 9.88 33.85
N LYS A 455 6.45 9.54 32.77
CA LYS A 455 6.28 10.21 31.49
C LYS A 455 5.60 9.27 30.52
N HIS A 456 5.12 9.73 29.40
CA HIS A 456 4.49 8.89 28.42
C HIS A 456 5.21 9.23 27.14
N ALA A 457 5.66 8.15 26.49
CA ALA A 457 6.41 8.21 25.27
C ALA A 457 5.70 7.50 24.12
N THR A 458 5.76 8.09 22.91
CA THR A 458 5.63 7.30 21.69
C THR A 458 7.02 6.83 21.34
N VAL A 459 7.13 5.51 21.13
CA VAL A 459 8.38 4.85 20.72
C VAL A 459 8.16 4.66 19.22
N ARG A 460 9.08 5.16 18.43
CA ARG A 460 9.10 5.19 16.95
C ARG A 460 10.32 4.32 16.50
N ILE A 461 10.17 3.26 15.69
CA ILE A 461 11.27 2.35 15.34
C ILE A 461 11.37 2.27 13.83
N PHE A 462 12.56 2.47 13.26
CA PHE A 462 12.76 2.53 11.82
C PHE A 462 13.96 1.66 11.51
N LEU A 463 14.05 1.15 10.29
CA LEU A 463 15.20 0.36 9.85
C LEU A 463 15.83 1.01 8.62
N ALA A 464 17.14 1.09 8.44
CA ALA A 464 17.75 1.83 7.33
C ALA A 464 18.97 1.03 6.90
N PRO A 465 19.26 0.76 5.59
CA PRO A 465 20.43 0.01 5.13
C PRO A 465 21.66 0.75 5.60
N LYS A 466 22.80 0.14 5.90
CA LYS A 466 23.93 0.93 6.34
C LYS A 466 24.84 1.31 5.20
N TYR A 467 24.95 0.42 4.22
CA TYR A 467 25.83 0.63 3.08
C TYR A 467 25.06 0.45 1.78
N ASP A 468 25.48 1.00 0.64
CA ASP A 468 24.83 0.69 -0.65
C ASP A 468 25.44 -0.58 -1.19
N GLU A 469 24.96 -1.07 -2.34
CA GLU A 469 25.44 -2.28 -3.01
C GLU A 469 26.94 -2.33 -3.36
N LEU A 470 27.65 -1.19 -3.32
CA LEU A 470 29.06 -1.15 -3.60
C LEU A 470 29.84 -0.88 -2.31
N GLY A 471 29.22 -1.05 -1.13
CA GLY A 471 29.92 -0.96 0.13
C GLY A 471 30.14 0.45 0.64
N ASN A 472 29.62 1.46 -0.02
CA ASN A 472 29.79 2.83 0.47
C ASN A 472 28.80 3.05 1.59
N GLU A 473 29.13 3.86 2.59
CA GLU A 473 28.19 4.22 3.67
C GLU A 473 27.10 5.16 3.18
N ILE A 474 25.81 4.92 3.45
CA ILE A 474 24.76 5.82 3.00
C ILE A 474 24.75 6.95 4.04
N LYS A 475 24.99 8.18 3.64
CA LYS A 475 24.97 9.34 4.53
C LYS A 475 23.58 9.70 5.03
N ALA A 476 23.54 10.51 6.10
CA ALA A 476 22.30 10.89 6.78
C ALA A 476 21.11 11.33 5.95
N ASP A 477 21.36 12.29 5.07
CA ASP A 477 20.31 12.72 4.18
C ASP A 477 19.87 11.60 3.27
N GLU A 478 20.74 10.78 2.68
CA GLU A 478 20.32 9.74 1.75
C GLU A 478 19.52 8.69 2.52
N LEU A 479 19.82 8.46 3.81
CA LEU A 479 19.05 7.49 4.62
C LEU A 479 17.56 7.75 4.73
N ARG A 480 17.19 9.00 4.54
CA ARG A 480 15.82 9.46 4.66
C ARG A 480 14.93 8.83 3.65
N ARG A 481 15.47 8.48 2.47
CA ARG A 481 14.70 7.97 1.37
C ARG A 481 14.53 6.47 1.49
N THR A 482 15.39 5.80 2.25
CA THR A 482 15.29 4.36 2.42
C THR A 482 14.97 3.85 3.82
N ALA A 483 14.64 4.73 4.77
CA ALA A 483 14.27 4.29 6.09
C ALA A 483 12.83 3.83 6.18
N ILE A 484 12.62 2.59 6.61
CA ILE A 484 11.30 1.99 6.62
C ILE A 484 10.78 1.95 8.03
N GLU A 485 9.50 2.17 8.21
CA GLU A 485 8.93 2.13 9.54
C GLU A 485 8.66 0.70 9.99
N LEU A 486 9.12 0.37 11.19
CA LEU A 486 8.83 -0.93 11.78
C LEU A 486 7.75 -0.87 12.87
N ASP A 487 7.57 0.25 13.59
CA ASP A 487 6.64 0.32 14.74
C ASP A 487 6.54 1.72 15.34
N LYS A 488 5.39 1.93 15.93
CA LYS A 488 5.02 3.15 16.64
C LYS A 488 4.05 2.73 17.74
N PHE A 489 4.35 2.97 19.00
CA PHE A 489 3.46 2.59 20.09
C PHE A 489 3.64 3.47 21.33
N LYS A 490 2.63 3.65 22.18
CA LYS A 490 2.70 4.39 23.44
C LYS A 490 3.24 3.54 24.60
N THR A 491 4.09 4.08 25.46
CA THR A 491 4.60 3.40 26.63
C THR A 491 4.65 4.43 27.78
N ASP A 492 4.29 4.11 29.03
CA ASP A 492 4.59 5.00 30.16
C ASP A 492 5.92 4.64 30.82
N LEU A 493 6.68 5.63 31.21
CA LEU A 493 7.98 5.41 31.76
C LEU A 493 7.95 5.90 33.20
N HIS A 494 8.45 5.16 34.16
CA HIS A 494 8.39 5.53 35.56
C HIS A 494 9.73 6.18 35.84
N PRO A 495 10.02 6.91 36.92
CA PRO A 495 11.30 7.57 37.14
C PRO A 495 12.37 6.50 37.29
N GLY A 496 13.63 6.74 36.95
CA GLY A 496 14.67 5.72 37.01
C GLY A 496 14.76 4.83 35.77
N LYS A 497 15.35 3.66 35.89
CA LYS A 497 15.49 2.77 34.77
C LYS A 497 14.23 2.08 34.31
N ASN A 498 14.00 1.96 33.00
CA ASN A 498 12.88 1.22 32.47
C ASN A 498 13.39 0.27 31.37
N THR A 499 12.70 -0.84 31.07
CA THR A 499 13.05 -1.65 29.93
C THR A 499 11.73 -1.91 29.24
N VAL A 500 11.58 -1.42 28.01
CA VAL A 500 10.39 -1.60 27.20
C VAL A 500 10.63 -2.86 26.41
N VAL A 501 9.67 -3.76 26.34
CA VAL A 501 9.85 -4.97 25.57
C VAL A 501 8.69 -4.89 24.60
N ARG A 502 8.89 -5.27 23.34
CA ARG A 502 7.86 -5.12 22.34
C ARG A 502 8.04 -6.31 21.45
N HIS A 503 7.01 -6.96 20.96
CA HIS A 503 7.25 -8.11 20.12
C HIS A 503 6.96 -7.72 18.68
N SER A 504 7.78 -8.17 17.70
CA SER A 504 7.50 -7.96 16.28
C SER A 504 6.07 -8.20 15.87
N LEU A 505 5.37 -9.17 16.48
CA LEU A 505 4.04 -9.50 16.06
C LEU A 505 3.05 -8.37 16.33
N ASP A 506 3.45 -7.47 17.24
CA ASP A 506 2.59 -6.37 17.64
C ASP A 506 2.74 -5.13 16.77
N SER A 507 3.69 -5.14 15.82
CA SER A 507 3.87 -4.10 14.83
C SER A 507 2.64 -3.40 14.38
N SER A 508 2.72 -2.09 14.50
CA SER A 508 1.62 -1.24 14.05
C SER A 508 1.68 -0.90 12.56
N VAL A 509 2.65 -1.40 11.79
CA VAL A 509 2.51 -1.29 10.35
C VAL A 509 1.89 -2.56 9.81
N THR A 510 1.67 -3.68 10.53
CA THR A 510 1.32 -4.93 9.87
C THR A 510 -0.09 -5.36 10.14
N LEU A 511 -0.77 -5.99 9.21
CA LEU A 511 -2.03 -6.63 9.51
C LEU A 511 -1.73 -7.91 10.34
N SER A 512 -2.23 -8.13 11.56
CA SER A 512 -2.07 -9.39 12.28
C SER A 512 -2.84 -10.61 11.71
N HIS A 513 -3.88 -10.52 10.84
CA HIS A 513 -4.64 -11.69 10.37
C HIS A 513 -5.65 -11.31 9.29
N GLN A 514 -5.67 -11.87 8.04
CA GLN A 514 -6.83 -11.69 7.13
C GLN A 514 -7.58 -13.04 7.30
N PRO A 515 -8.83 -13.10 7.81
CA PRO A 515 -9.67 -14.30 7.76
C PRO A 515 -10.07 -14.71 6.32
N THR A 516 -10.02 -16.02 6.01
CA THR A 516 -10.37 -16.52 4.69
C THR A 516 -11.87 -16.50 4.45
N PHE A 517 -12.40 -16.70 3.23
CA PHE A 517 -13.83 -17.05 3.02
C PHE A 517 -14.26 -18.19 3.93
N GLU A 518 -13.51 -19.29 4.05
CA GLU A 518 -14.02 -20.33 4.94
C GLU A 518 -14.02 -19.97 6.40
N ASP A 519 -13.01 -19.24 6.95
CA ASP A 519 -13.05 -18.69 8.29
C ASP A 519 -14.33 -17.87 8.50
N LEU A 520 -14.71 -17.06 7.52
CA LEU A 520 -15.82 -16.15 7.66
C LEU A 520 -17.20 -16.76 7.50
N LEU A 521 -17.43 -17.72 6.60
CA LEU A 521 -18.76 -18.27 6.44
C LEU A 521 -18.99 -19.09 7.70
N HIS A 522 -17.92 -19.73 8.17
CA HIS A 522 -17.97 -20.38 9.46
C HIS A 522 -17.91 -19.28 10.50
N GLY A 523 -17.70 -19.45 11.80
CA GLY A 523 -17.44 -18.28 12.63
C GLY A 523 -16.04 -18.44 13.15
N VAL A 524 -15.07 -18.33 12.26
CA VAL A 524 -13.68 -18.63 12.61
C VAL A 524 -12.87 -17.39 12.21
N GLY A 525 -13.51 -16.51 11.43
CA GLY A 525 -13.21 -15.09 11.42
C GLY A 525 -14.26 -14.48 12.34
N LEU A 526 -14.14 -14.82 13.64
CA LEU A 526 -13.78 -13.88 14.72
C LEU A 526 -14.17 -12.39 14.54
N SER A 531 -12.43 -3.08 17.82
CA SER A 531 -12.09 -4.25 17.07
C SER A 531 -11.51 -4.06 15.64
N GLU A 532 -11.08 -5.14 15.01
CA GLU A 532 -10.03 -5.05 14.05
C GLU A 532 -10.55 -5.81 12.88
N TYR A 533 -11.47 -5.21 12.18
CA TYR A 533 -12.14 -5.90 11.10
C TYR A 533 -11.81 -5.26 9.76
N CYS A 534 -10.72 -4.52 9.57
CA CYS A 534 -10.51 -3.89 8.28
C CYS A 534 -9.41 -4.66 7.60
N SER A 535 -9.27 -4.61 6.29
CA SER A 535 -8.22 -5.43 5.68
C SER A 535 -6.96 -4.68 5.30
N CYS A 536 -6.89 -3.35 5.40
CA CYS A 536 -5.69 -2.59 5.13
C CYS A 536 -4.64 -2.96 6.14
N GLY A 537 -3.39 -3.16 5.70
CA GLY A 537 -2.24 -3.15 6.60
C GLY A 537 -1.09 -3.88 5.94
N TRP A 538 0.19 -3.66 6.22
CA TRP A 538 1.27 -4.35 5.55
C TRP A 538 1.29 -5.85 5.92
N PRO A 539 1.60 -6.81 5.05
CA PRO A 539 1.77 -8.20 5.40
C PRO A 539 2.89 -8.49 6.38
N SER A 540 2.54 -9.20 7.43
CA SER A 540 3.51 -9.63 8.43
C SER A 540 4.74 -10.30 7.91
N HIS A 541 4.69 -11.15 6.91
CA HIS A 541 5.90 -11.84 6.47
C HIS A 541 6.94 -10.95 5.82
N LEU A 542 6.49 -9.74 5.44
CA LEU A 542 7.34 -8.75 4.79
C LEU A 542 7.67 -7.61 5.74
N LEU A 543 7.66 -7.81 7.05
CA LEU A 543 7.98 -6.74 7.95
C LEU A 543 9.39 -6.26 7.72
N VAL A 544 10.39 -7.15 7.55
CA VAL A 544 11.74 -6.65 7.32
C VAL A 544 12.22 -7.01 5.91
N PRO A 545 13.24 -6.36 5.30
CA PRO A 545 13.82 -6.74 4.01
C PRO A 545 14.38 -8.16 4.07
N LYS A 546 14.72 -8.74 2.92
CA LYS A 546 15.26 -10.09 2.87
C LYS A 546 16.71 -10.16 3.42
N GLY A 547 17.51 -9.12 3.19
CA GLY A 547 18.88 -9.15 3.62
C GLY A 547 19.56 -10.10 2.69
N ASN A 548 20.59 -10.77 3.16
CA ASN A 548 21.36 -11.66 2.30
C ASN A 548 22.01 -12.71 3.17
N ILE A 549 22.57 -13.74 2.54
CA ILE A 549 23.00 -14.92 3.26
C ILE A 549 24.26 -14.63 4.08
N LYS A 550 25.02 -13.55 3.98
CA LYS A 550 26.11 -13.30 4.92
C LYS A 550 25.52 -12.57 6.15
N GLY A 551 24.33 -11.97 6.03
CA GLY A 551 23.93 -11.01 7.01
C GLY A 551 24.27 -9.62 6.48
N MET A 552 23.21 -8.95 6.02
CA MET A 552 23.25 -7.55 5.59
C MET A 552 23.14 -6.58 6.78
N GLU A 553 23.98 -5.57 6.88
CA GLU A 553 23.93 -4.69 8.00
C GLU A 553 22.88 -3.61 7.79
N TYR A 554 22.02 -3.46 8.80
CA TYR A 554 21.08 -2.38 8.86
C TYR A 554 21.24 -1.51 10.11
N HIS A 555 21.06 -0.21 10.05
CA HIS A 555 20.80 0.59 11.26
C HIS A 555 19.38 0.33 11.76
N LEU A 556 19.22 0.03 13.06
CA LEU A 556 17.93 0.01 13.74
C LEU A 556 17.88 1.27 14.56
N PHE A 557 16.91 2.14 14.33
CA PHE A 557 16.79 3.43 14.99
C PHE A 557 15.57 3.37 15.89
N VAL A 558 15.69 3.75 17.15
CA VAL A 558 14.57 3.84 18.06
C VAL A 558 14.60 5.30 18.50
N MET A 559 13.44 5.98 18.48
CA MET A 559 13.32 7.35 18.98
C MET A 559 12.17 7.39 19.97
N LEU A 560 12.25 8.04 21.15
CA LEU A 560 11.05 8.32 21.97
C LEU A 560 10.71 9.79 21.98
N THR A 561 9.43 10.15 21.82
CA THR A 561 9.04 11.55 21.88
C THR A 561 7.92 11.71 22.91
N ASP A 562 7.58 12.91 23.35
CA ASP A 562 6.57 13.11 24.36
C ASP A 562 5.18 12.88 23.81
N TRP A 563 4.53 11.84 24.31
CA TRP A 563 3.20 11.49 23.85
C TRP A 563 2.14 12.53 24.21
N ASP A 564 2.33 13.44 25.17
CA ASP A 564 1.26 14.39 25.45
C ASP A 564 1.37 15.45 24.40
N LYS A 565 2.52 15.55 23.74
CA LYS A 565 2.51 16.37 22.57
C LYS A 565 2.17 15.58 21.30
N ASP A 566 2.21 14.27 21.26
CA ASP A 566 1.87 13.60 20.00
C ASP A 566 0.42 13.32 19.88
N LYS A 567 -0.27 13.06 20.99
CA LYS A 567 -1.60 12.51 20.92
C LYS A 567 -2.56 13.45 20.27
N VAL A 568 -3.44 12.86 19.49
CA VAL A 568 -4.47 13.59 18.78
C VAL A 568 -5.75 13.00 19.33
N SER A 573 -11.43 3.93 21.81
CA SER A 573 -12.64 3.83 21.00
C SER A 573 -12.29 3.62 19.53
N VAL A 574 -11.05 3.26 19.22
CA VAL A 574 -10.68 3.31 17.82
C VAL A 574 -10.79 1.89 17.26
N ALA A 575 -11.69 1.64 16.33
CA ALA A 575 -11.64 0.40 15.56
C ALA A 575 -10.48 0.52 14.57
N CYS A 576 -9.97 -0.63 14.11
CA CYS A 576 -9.09 -0.75 12.96
C CYS A 576 -7.80 0.03 13.03
N VAL A 577 -7.05 -0.20 14.10
CA VAL A 577 -5.73 0.34 14.27
C VAL A 577 -4.58 -0.66 14.25
N ASP A 578 -4.77 -1.83 13.71
CA ASP A 578 -3.79 -2.90 13.73
C ASP A 578 -2.56 -2.53 12.88
N ALA A 579 -2.80 -1.68 11.91
CA ALA A 579 -1.79 -1.20 11.01
C ALA A 579 -1.90 0.32 10.92
N VAL A 580 -2.07 1.03 12.02
CA VAL A 580 -2.29 2.48 12.05
C VAL A 580 -1.28 3.25 11.28
N SER A 581 -0.03 2.85 11.36
CA SER A 581 1.01 3.63 10.76
C SER A 581 0.82 3.89 9.26
N TYR A 582 0.28 2.91 8.52
CA TYR A 582 0.11 3.01 7.08
C TYR A 582 -1.36 3.15 6.71
N CYS A 583 -2.22 2.80 7.66
CA CYS A 583 -3.62 2.77 7.34
C CYS A 583 -4.42 3.73 8.18
N GLY A 584 -3.92 4.43 9.20
CA GLY A 584 -4.74 5.29 10.05
C GLY A 584 -5.71 4.46 10.89
N ALA A 585 -6.82 5.06 11.34
CA ALA A 585 -7.66 4.55 12.40
C ALA A 585 -9.03 4.68 11.85
N ARG A 586 -9.94 3.74 12.04
CA ARG A 586 -11.23 3.85 11.38
C ARG A 586 -12.01 5.04 11.88
N ASP A 587 -12.50 5.85 10.98
CA ASP A 587 -13.35 6.95 11.31
C ASP A 587 -12.80 7.82 12.43
N HIS A 588 -11.53 8.16 12.33
CA HIS A 588 -10.83 8.81 13.41
C HIS A 588 -9.67 9.56 12.79
N LYS A 589 -9.15 10.56 13.50
CA LYS A 589 -8.01 11.36 13.04
C LYS A 589 -6.78 10.52 13.18
N TYR A 590 -5.81 10.76 12.32
CA TYR A 590 -4.58 10.05 12.40
C TYR A 590 -3.98 10.42 13.76
N PRO A 591 -3.76 9.43 14.60
CA PRO A 591 -3.42 9.53 16.01
C PRO A 591 -2.03 9.99 16.31
N ASP A 592 -1.38 10.80 15.53
CA ASP A 592 -0.01 11.14 15.85
C ASP A 592 0.07 12.51 15.30
N LYS A 593 0.49 13.51 16.03
CA LYS A 593 0.57 14.83 15.42
C LYS A 593 1.84 14.94 14.60
N LYS A 594 2.87 14.13 14.78
CA LYS A 594 4.09 14.42 14.03
C LYS A 594 3.90 14.17 12.55
N PRO A 595 4.65 14.79 11.67
CA PRO A 595 4.58 14.54 10.22
C PRO A 595 4.84 13.07 10.00
N MET A 596 4.21 12.46 9.00
CA MET A 596 4.28 11.05 8.76
C MET A 596 5.70 10.84 8.27
N GLY A 597 6.43 9.98 8.94
CA GLY A 597 7.81 9.75 8.59
C GLY A 597 8.78 10.48 9.47
N PHE A 598 8.37 11.34 10.43
CA PHE A 598 9.22 12.03 11.42
C PHE A 598 10.08 11.03 12.16
N PRO A 599 11.36 11.22 12.51
CA PRO A 599 12.17 12.40 12.22
C PRO A 599 12.75 12.46 10.81
N PHE A 600 12.40 11.66 9.80
CA PHE A 600 13.22 11.55 8.60
C PHE A 600 12.59 12.33 7.45
N ASP A 601 11.63 13.21 7.61
CA ASP A 601 10.96 13.80 6.48
C ASP A 601 11.61 15.08 6.00
N ARG A 602 12.41 15.74 6.82
CA ARG A 602 13.01 17.01 6.51
C ARG A 602 14.49 16.81 6.29
N PRO A 603 15.20 17.71 5.60
CA PRO A 603 16.63 17.67 5.37
C PRO A 603 17.51 17.50 6.59
N ILE A 604 18.48 16.60 6.58
CA ILE A 604 19.39 16.40 7.68
C ILE A 604 20.74 16.96 7.22
N HIS A 605 21.20 18.00 7.87
CA HIS A 605 22.48 18.57 7.57
C HIS A 605 23.69 17.96 8.27
N THR A 606 23.78 16.67 8.51
CA THR A 606 24.98 16.15 9.13
C THR A 606 25.42 15.05 8.18
N GLU A 607 26.72 14.72 8.07
CA GLU A 607 27.19 13.75 7.09
C GLU A 607 26.77 12.37 7.63
N HIS A 608 26.95 12.15 8.92
CA HIS A 608 26.74 10.82 9.46
C HIS A 608 25.50 10.79 10.34
N ILE A 609 24.69 9.73 10.26
CA ILE A 609 23.48 9.67 11.07
C ILE A 609 23.77 9.60 12.58
N SER A 610 24.89 9.05 13.12
CA SER A 610 25.18 9.13 14.56
C SER A 610 25.31 10.57 15.05
N ASP A 611 25.71 11.56 14.22
CA ASP A 611 25.80 12.92 14.70
C ASP A 611 24.49 13.63 14.64
N PHE A 612 23.42 12.98 14.16
CA PHE A 612 22.07 13.55 14.23
C PHE A 612 21.36 13.29 15.57
N LEU A 613 21.89 12.30 16.29
CA LEU A 613 21.19 11.69 17.37
C LEU A 613 21.11 12.51 18.64
N THR A 614 19.90 12.76 19.13
CA THR A 614 19.70 13.40 20.42
C THR A 614 19.68 12.33 21.49
N ASN A 615 19.56 12.66 22.76
CA ASN A 615 19.54 11.66 23.82
C ASN A 615 18.33 10.76 23.80
N ASN A 616 17.24 11.12 23.18
CA ASN A 616 16.08 10.25 23.18
C ASN A 616 16.00 9.44 21.90
N MET A 617 17.12 9.29 21.19
CA MET A 617 17.18 8.53 19.95
C MET A 617 18.26 7.49 20.15
N PHE A 618 18.28 6.35 19.47
CA PHE A 618 19.43 5.44 19.59
C PHE A 618 19.60 4.68 18.25
N ILE A 619 20.79 4.28 17.78
CA ILE A 619 20.87 3.32 16.70
C ILE A 619 21.58 2.09 17.16
N LYS A 620 21.10 0.90 16.85
CA LYS A 620 21.75 -0.37 17.14
C LYS A 620 22.00 -1.04 15.81
N ASP A 621 23.19 -1.52 15.45
CA ASP A 621 23.36 -2.16 14.14
C ASP A 621 23.08 -3.64 14.25
N ILE A 622 22.09 -4.09 13.50
CA ILE A 622 21.69 -5.48 13.52
C ILE A 622 22.09 -6.08 12.18
N LYS A 623 21.83 -7.38 11.93
CA LYS A 623 22.10 -7.99 10.63
C LYS A 623 20.88 -8.77 10.26
N ILE A 624 20.55 -8.74 8.98
CA ILE A 624 19.48 -9.60 8.50
C ILE A 624 20.16 -10.60 7.61
N LYS A 625 19.86 -11.88 7.80
CA LYS A 625 20.64 -12.91 7.16
C LYS A 625 19.70 -13.92 6.57
N PHE A 626 19.67 -14.09 5.27
CA PHE A 626 18.68 -14.94 4.61
C PHE A 626 19.15 -16.35 4.68
N HIS A 627 18.25 -17.32 4.70
CA HIS A 627 18.62 -18.71 4.70
C HIS A 627 18.09 -19.29 3.41
N GLU A 628 19.02 -19.79 2.59
CA GLU A 628 18.66 -20.39 1.30
C GLU A 628 18.00 -21.77 1.48
#